data_9C69
#
_entry.id   9C69
#
_cell.length_a   189.308
_cell.length_b   189.308
_cell.length_c   189.308
_cell.angle_alpha   90.00
_cell.angle_beta   90.00
_cell.angle_gamma   90.00
#
_symmetry.space_group_name_H-M   'I 4 3 2'
#
loop_
_entity.id
_entity.type
_entity.pdbx_description
1 polymer 'Adenosine deaminase domain-containing protein'
2 polymer AAAA
3 water water
#
loop_
_entity_poly.entity_id
_entity_poly.type
_entity_poly.pdbx_seq_one_letter_code
_entity_poly.pdbx_strand_id
1 'polypeptide(L)'
;MSRVLLCSAGHSSMVVPEAFHAVPEGFEEVHVFTTDSEKFNPVVLNDFFHSLPNVRFSITKCHGLADILNERDFEFYQEM
LWQWYLTKMPDNELPYVCLSGGIKSMSASLQKAATLFGAQSVFHVLADNNPRNIEEMFDALQKGQIHFIEMGYEPGWAAL
RRLKKI
;
A,B
2 'polyribonucleotide' AAAA C
#
loop_
_chem_comp.id
_chem_comp.type
_chem_comp.name
_chem_comp.formula
A RNA linking ADENOSINE-5'-MONOPHOSPHATE 'C10 H14 N5 O7 P'
#
# COMPACT_ATOMS: atom_id res chain seq x y z
N SER A 2 12.30 -12.51 22.65
CA SER A 2 12.72 -11.29 21.98
C SER A 2 11.61 -10.68 21.12
N ARG A 3 11.36 -9.38 21.32
CA ARG A 3 10.54 -8.62 20.39
C ARG A 3 11.35 -8.32 19.13
N VAL A 4 10.80 -8.70 17.98
CA VAL A 4 11.44 -8.56 16.69
C VAL A 4 10.50 -7.77 15.81
N LEU A 5 11.03 -6.71 15.19
CA LEU A 5 10.30 -5.87 14.25
C LEU A 5 10.75 -6.19 12.83
N LEU A 6 9.78 -6.40 11.94
CA LEU A 6 10.00 -6.66 10.52
C LEU A 6 9.39 -5.51 9.71
N CYS A 7 10.15 -4.97 8.75
CA CYS A 7 9.78 -3.76 8.00
C CYS A 7 10.26 -3.84 6.55
N SER A 8 9.47 -3.25 5.67
CA SER A 8 9.95 -2.86 4.34
C SER A 8 10.45 -1.41 4.44
N ALA A 9 11.27 -1.01 3.47
CA ALA A 9 11.76 0.35 3.48
C ALA A 9 11.68 0.94 2.08
N GLY A 10 11.48 2.24 2.03
CA GLY A 10 11.53 2.99 0.79
C GLY A 10 12.49 4.15 0.92
N HIS A 11 12.14 5.26 0.26
CA HIS A 11 13.01 6.43 0.22
C HIS A 11 13.04 7.17 1.54
N SER A 12 11.92 7.21 2.26
CA SER A 12 11.81 8.01 3.49
C SER A 12 12.53 7.27 4.63
N SER A 13 13.73 7.72 4.96
CA SER A 13 14.57 7.00 5.92
C SER A 13 13.95 6.90 7.31
N MET A 14 12.99 7.75 7.65
CA MET A 14 12.52 7.83 9.01
C MET A 14 11.39 6.85 9.36
N VAL A 15 10.84 6.07 8.42
CA VAL A 15 9.71 5.22 8.81
C VAL A 15 10.18 4.06 9.68
N VAL A 16 11.32 3.44 9.38
CA VAL A 16 11.77 2.33 10.24
C VAL A 16 12.14 2.83 11.63
N PRO A 17 12.88 3.94 11.78
CA PRO A 17 13.06 4.48 13.13
C PRO A 17 11.75 4.80 13.84
N GLU A 18 10.80 5.44 13.16
CA GLU A 18 9.49 5.71 13.77
C GLU A 18 8.84 4.40 14.21
N ALA A 19 8.84 3.40 13.33
CA ALA A 19 8.24 2.12 13.68
C ALA A 19 8.92 1.48 14.89
N PHE A 20 10.22 1.74 15.07
CA PHE A 20 10.94 1.20 16.22
C PHE A 20 10.35 1.70 17.53
N HIS A 21 9.68 2.87 17.50
CA HIS A 21 9.03 3.41 18.68
C HIS A 21 7.54 3.08 18.78
N ALA A 22 7.05 2.07 18.05
CA ALA A 22 5.65 1.70 18.20
C ALA A 22 5.35 1.11 19.56
N VAL A 23 6.38 0.71 20.30
CA VAL A 23 6.14 0.01 21.55
C VAL A 23 7.08 0.64 22.58
N PRO A 24 6.64 0.81 23.83
CA PRO A 24 7.49 1.56 24.79
C PRO A 24 8.86 0.96 24.98
N GLU A 25 8.96 -0.36 25.08
CA GLU A 25 10.21 -1.06 25.30
C GLU A 25 11.15 -1.03 24.09
N GLY A 26 10.70 -0.51 22.94
CA GLY A 26 11.46 -0.71 21.73
C GLY A 26 11.50 -2.18 21.34
N PHE A 27 12.49 -2.53 20.53
CA PHE A 27 12.60 -3.87 19.98
C PHE A 27 14.02 -4.41 20.17
N GLU A 28 14.12 -5.72 20.35
CA GLU A 28 15.43 -6.34 20.46
C GLU A 28 16.10 -6.53 19.10
N GLU A 29 15.32 -6.79 18.06
CA GLU A 29 15.81 -6.97 16.70
C GLU A 29 14.91 -6.20 15.74
N VAL A 30 15.54 -5.56 14.77
CA VAL A 30 14.88 -4.84 13.70
C VAL A 30 15.44 -5.39 12.40
N HIS A 31 14.57 -5.86 11.52
CA HIS A 31 15.01 -6.41 10.24
C HIS A 31 14.24 -5.75 9.12
N VAL A 32 14.98 -5.31 8.11
CA VAL A 32 14.44 -4.57 6.97
C VAL A 32 14.63 -5.42 5.73
N PHE A 33 13.64 -5.38 4.84
CA PHE A 33 13.73 -5.96 3.51
C PHE A 33 13.39 -4.84 2.53
N THR A 34 14.17 -4.74 1.46
CA THR A 34 13.93 -3.70 0.45
C THR A 34 14.52 -4.18 -0.88
N THR A 35 14.36 -3.34 -1.90
CA THR A 35 14.90 -3.57 -3.23
C THR A 35 16.37 -3.16 -3.29
N ASP A 36 16.99 -3.39 -4.43
CA ASP A 36 18.35 -2.96 -4.72
C ASP A 36 18.40 -1.53 -5.26
N SER A 37 17.27 -0.82 -5.28
CA SER A 37 17.23 0.54 -5.78
C SER A 37 18.09 1.48 -4.94
N GLU A 38 18.68 2.46 -5.62
CA GLU A 38 19.45 3.48 -4.94
C GLU A 38 18.58 4.56 -4.33
N LYS A 39 17.27 4.45 -4.52
CA LYS A 39 16.33 5.30 -3.82
C LYS A 39 16.19 4.91 -2.34
N PHE A 40 16.73 3.76 -1.95
CA PHE A 40 16.90 3.38 -0.55
C PHE A 40 18.35 3.66 -0.14
N ASN A 41 18.54 4.53 0.85
CA ASN A 41 19.87 4.79 1.40
C ASN A 41 20.02 4.13 2.77
N PRO A 42 20.87 3.11 2.91
CA PRO A 42 21.00 2.41 4.19
C PRO A 42 21.82 3.14 5.24
N VAL A 43 22.55 4.20 4.86
CA VAL A 43 23.54 4.80 5.76
C VAL A 43 22.87 5.39 7.01
N VAL A 44 21.78 6.15 6.82
CA VAL A 44 21.09 6.71 7.98
C VAL A 44 20.59 5.60 8.90
N LEU A 45 20.12 4.49 8.32
CA LEU A 45 19.57 3.41 9.15
C LEU A 45 20.69 2.73 9.93
N ASN A 46 21.80 2.41 9.26
CA ASN A 46 22.96 1.82 9.92
C ASN A 46 23.51 2.73 11.02
N ASP A 47 23.61 4.04 10.77
CA ASP A 47 24.10 4.95 11.80
C ASP A 47 23.22 4.90 13.04
N PHE A 48 21.92 5.14 12.87
CA PHE A 48 21.02 5.21 14.03
C PHE A 48 20.95 3.88 14.78
N PHE A 49 20.76 2.78 14.05
CA PHE A 49 20.52 1.51 14.75
C PHE A 49 21.80 0.93 15.35
N HIS A 50 22.96 1.15 14.73
CA HIS A 50 24.23 0.75 15.36
C HIS A 50 24.55 1.58 16.60
N SER A 51 24.01 2.80 16.70
CA SER A 51 24.22 3.61 17.90
C SER A 51 23.31 3.20 19.05
N LEU A 52 22.30 2.39 18.81
CA LEU A 52 21.51 1.88 19.93
C LEU A 52 22.15 0.60 20.45
N PRO A 53 22.25 0.40 21.75
CA PRO A 53 23.17 -0.62 22.26
C PRO A 53 22.64 -2.04 22.16
N ASN A 54 21.38 -2.24 22.51
CA ASN A 54 20.83 -3.58 22.68
C ASN A 54 19.98 -4.02 21.49
N VAL A 55 20.36 -3.62 20.27
CA VAL A 55 19.51 -3.82 19.11
C VAL A 55 20.30 -4.56 18.04
N ARG A 56 19.79 -5.70 17.61
CA ARG A 56 20.36 -6.35 16.44
C ARG A 56 19.62 -5.85 15.21
N PHE A 57 20.38 -5.37 14.23
CA PHE A 57 19.84 -4.76 13.03
C PHE A 57 20.38 -5.47 11.80
N SER A 58 19.52 -5.62 10.78
CA SER A 58 19.98 -6.11 9.48
C SER A 58 19.09 -5.57 8.37
N ILE A 59 19.71 -5.37 7.21
CA ILE A 59 19.05 -4.96 5.97
C ILE A 59 19.28 -6.07 4.97
N THR A 60 18.20 -6.57 4.36
CA THR A 60 18.27 -7.61 3.37
C THR A 60 17.70 -7.08 2.05
N LYS A 61 18.47 -7.17 0.99
CA LYS A 61 18.05 -6.64 -0.31
C LYS A 61 17.58 -7.79 -1.19
N CYS A 62 16.61 -7.49 -2.06
CA CYS A 62 16.13 -8.49 -3.01
C CYS A 62 17.09 -8.45 -4.19
N HIS A 63 18.12 -9.30 -4.14
CA HIS A 63 19.32 -9.04 -4.92
C HIS A 63 19.11 -9.23 -6.41
N GLY A 64 19.54 -8.24 -7.20
CA GLY A 64 19.31 -8.20 -8.62
C GLY A 64 18.04 -7.50 -9.07
N LEU A 65 17.30 -6.89 -8.13
CA LEU A 65 16.01 -6.28 -8.44
C LEU A 65 15.99 -4.88 -7.84
N ALA A 66 15.98 -3.87 -8.70
CA ALA A 66 15.90 -2.49 -8.27
C ALA A 66 14.47 -1.99 -8.20
N ASP A 67 13.61 -2.49 -9.09
CA ASP A 67 12.26 -1.96 -9.19
C ASP A 67 11.29 -3.11 -9.43
N ILE A 68 10.04 -2.90 -9.05
CA ILE A 68 8.98 -3.82 -9.39
C ILE A 68 8.21 -3.19 -10.55
N LEU A 69 8.51 -3.65 -11.76
CA LEU A 69 7.93 -3.08 -12.98
C LEU A 69 7.02 -4.04 -13.72
N ASN A 70 7.02 -5.33 -13.37
CA ASN A 70 6.14 -6.27 -14.05
C ASN A 70 5.87 -7.45 -13.11
N GLU A 71 5.10 -8.41 -13.62
CA GLU A 71 4.60 -9.50 -12.79
C GLU A 71 5.72 -10.41 -12.33
N ARG A 72 6.74 -10.62 -13.17
CA ARG A 72 7.87 -11.46 -12.80
C ARG A 72 8.70 -10.80 -11.69
N ASP A 73 8.87 -9.48 -11.76
CA ASP A 73 9.56 -8.78 -10.69
C ASP A 73 8.83 -8.94 -9.36
N PHE A 74 7.51 -8.76 -9.38
CA PHE A 74 6.77 -8.85 -8.13
C PHE A 74 6.86 -10.25 -7.57
N GLU A 75 6.73 -11.26 -8.43
CA GLU A 75 6.81 -12.65 -7.99
C GLU A 75 8.18 -12.96 -7.40
N PHE A 76 9.24 -12.47 -8.05
CA PHE A 76 10.57 -12.71 -7.49
C PHE A 76 10.73 -11.99 -6.16
N TYR A 77 10.23 -10.76 -6.05
CA TYR A 77 10.32 -10.02 -4.80
C TYR A 77 9.58 -10.77 -3.68
N GLN A 78 8.37 -11.26 -3.99
CA GLN A 78 7.54 -11.91 -2.99
C GLN A 78 8.17 -13.22 -2.51
N GLU A 79 8.79 -13.98 -3.43
CA GLU A 79 9.43 -15.22 -3.03
C GLU A 79 10.55 -14.95 -2.05
N MET A 80 11.38 -13.96 -2.34
CA MET A 80 12.48 -13.59 -1.45
C MET A 80 11.96 -13.00 -0.14
N LEU A 81 10.92 -12.17 -0.19
CA LEU A 81 10.38 -11.61 1.05
C LEU A 81 9.84 -12.70 1.96
N TRP A 82 9.12 -13.69 1.41
CA TRP A 82 8.48 -14.65 2.28
C TRP A 82 9.52 -15.59 2.92
N GLN A 83 10.55 -15.97 2.17
CA GLN A 83 11.61 -16.76 2.77
C GLN A 83 12.36 -15.94 3.83
N TRP A 84 12.55 -14.65 3.56
CA TRP A 84 13.17 -13.77 4.53
C TRP A 84 12.33 -13.69 5.82
N TYR A 85 11.01 -13.58 5.67
CA TYR A 85 10.11 -13.47 6.82
C TYR A 85 10.25 -14.70 7.70
N LEU A 86 10.23 -15.88 7.08
CA LEU A 86 10.39 -17.12 7.84
C LEU A 86 11.74 -17.15 8.56
N THR A 87 12.79 -16.65 7.91
CA THR A 87 14.12 -16.71 8.49
C THR A 87 14.24 -15.76 9.68
N LYS A 88 13.70 -14.55 9.55
CA LYS A 88 13.90 -13.55 10.58
C LYS A 88 12.94 -13.65 11.76
N MET A 89 11.80 -14.33 11.63
CA MET A 89 10.85 -14.32 12.72
C MET A 89 11.37 -15.19 13.89
N PRO A 90 11.06 -14.81 15.13
CA PRO A 90 11.56 -15.57 16.28
C PRO A 90 10.96 -16.96 16.30
N ASP A 91 11.53 -17.80 17.16
CA ASP A 91 11.13 -19.20 17.22
C ASP A 91 9.93 -19.42 18.15
N ASN A 92 9.84 -18.67 19.24
CA ASN A 92 8.79 -18.87 20.23
C ASN A 92 7.81 -17.72 20.29
N GLU A 93 7.92 -16.73 19.40
CA GLU A 93 6.93 -15.65 19.35
C GLU A 93 6.69 -15.22 17.91
N LEU A 94 5.64 -14.51 17.75
CA LEU A 94 5.32 -13.88 16.49
C LEU A 94 5.99 -12.52 16.40
N PRO A 95 6.48 -12.13 15.23
CA PRO A 95 7.11 -10.81 15.08
C PRO A 95 6.07 -9.71 15.05
N TYR A 96 6.58 -8.48 15.17
CA TYR A 96 5.82 -7.27 14.87
C TYR A 96 6.17 -6.85 13.45
N VAL A 97 5.19 -6.24 12.77
CA VAL A 97 5.28 -5.96 11.34
C VAL A 97 4.80 -4.54 11.08
N CYS A 98 5.65 -3.73 10.46
CA CYS A 98 5.28 -2.40 9.99
C CYS A 98 5.14 -2.43 8.47
N LEU A 99 4.07 -1.84 7.96
CA LEU A 99 3.75 -1.94 6.55
C LEU A 99 4.05 -0.63 5.81
N SER A 100 4.51 0.38 6.51
CA SER A 100 4.49 1.70 5.91
C SER A 100 5.60 1.92 4.90
N GLY A 101 6.66 1.14 4.92
CA GLY A 101 7.78 1.35 4.02
C GLY A 101 7.62 0.66 2.68
N GLY A 102 8.24 1.24 1.65
CA GLY A 102 8.28 0.64 0.33
C GLY A 102 7.08 1.04 -0.51
N ILE A 103 6.97 0.40 -1.68
CA ILE A 103 5.85 0.69 -2.55
C ILE A 103 4.67 -0.19 -2.14
N LYS A 104 3.47 0.19 -2.60
CA LYS A 104 2.25 -0.46 -2.12
C LYS A 104 2.32 -1.98 -2.27
N SER A 105 2.89 -2.45 -3.37
CA SER A 105 2.87 -3.89 -3.61
C SER A 105 3.89 -4.61 -2.74
N MET A 106 5.00 -3.95 -2.40
CA MET A 106 5.93 -4.50 -1.41
C MET A 106 5.22 -4.66 -0.09
N SER A 107 4.50 -3.62 0.32
CA SER A 107 3.80 -3.63 1.60
C SER A 107 2.68 -4.67 1.62
N ALA A 108 1.91 -4.76 0.54
CA ALA A 108 0.85 -5.76 0.49
C ALA A 108 1.41 -7.17 0.52
N SER A 109 2.60 -7.37 -0.05
CA SER A 109 3.18 -8.70 0.02
C SER A 109 3.60 -9.02 1.45
N LEU A 110 4.01 -8.00 2.20
CA LEU A 110 4.41 -8.22 3.58
C LEU A 110 3.20 -8.51 4.46
N GLN A 111 2.11 -7.77 4.23
CA GLN A 111 0.84 -8.08 4.91
C GLN A 111 0.42 -9.52 4.66
N LYS A 112 0.54 -10.00 3.40
CA LYS A 112 0.13 -11.37 3.13
C LYS A 112 1.01 -12.36 3.88
N ALA A 113 2.32 -12.11 3.92
CA ALA A 113 3.22 -12.95 4.70
C ALA A 113 2.82 -13.00 6.18
N ALA A 114 2.52 -11.85 6.77
CA ALA A 114 2.10 -11.79 8.17
C ALA A 114 0.84 -12.62 8.39
N THR A 115 -0.07 -12.57 7.43
CA THR A 115 -1.29 -13.35 7.49
C THR A 115 -1.01 -14.85 7.48
N LEU A 116 -0.05 -15.29 6.64
CA LEU A 116 0.24 -16.71 6.52
C LEU A 116 1.11 -17.24 7.65
N PHE A 117 2.16 -16.50 8.05
CA PHE A 117 3.11 -17.04 9.01
C PHE A 117 2.87 -16.55 10.43
N GLY A 118 2.18 -15.44 10.61
CA GLY A 118 1.88 -14.99 11.95
C GLY A 118 2.56 -13.67 12.28
N ALA A 119 1.83 -12.81 12.98
CA ALA A 119 2.40 -11.56 13.43
C ALA A 119 1.68 -11.16 14.70
N GLN A 120 2.45 -10.82 15.72
CA GLN A 120 1.84 -10.33 16.95
C GLN A 120 1.08 -9.03 16.68
N SER A 121 1.56 -8.23 15.74
CA SER A 121 1.03 -6.91 15.47
C SER A 121 1.42 -6.54 14.05
N VAL A 122 0.50 -5.88 13.35
CA VAL A 122 0.71 -5.44 11.98
C VAL A 122 0.24 -3.99 11.91
N PHE A 123 1.15 -3.07 11.64
CA PHE A 123 0.77 -1.70 11.90
C PHE A 123 1.39 -0.75 10.88
N HIS A 124 0.72 0.38 10.70
CA HIS A 124 1.22 1.54 9.95
C HIS A 124 1.71 2.59 10.93
N VAL A 125 2.72 3.34 10.50
CA VAL A 125 3.17 4.53 11.21
C VAL A 125 2.96 5.71 10.28
N LEU A 126 2.31 6.77 10.78
CA LEU A 126 2.06 7.99 10.02
C LEU A 126 2.55 9.21 10.78
N ALA A 127 2.98 10.23 10.04
CA ALA A 127 3.53 11.43 10.66
C ALA A 127 2.84 12.65 10.11
N ASP A 128 2.40 13.52 11.02
CA ASP A 128 1.77 14.79 10.62
C ASP A 128 2.64 15.56 9.63
N ASN A 129 3.95 15.65 9.90
CA ASN A 129 4.82 16.51 9.12
C ASN A 129 6.03 15.77 8.55
N ASN A 130 6.01 14.46 8.55
CA ASN A 130 6.99 13.63 7.89
C ASN A 130 8.40 14.07 8.27
N PRO A 131 8.87 13.73 9.47
CA PRO A 131 10.23 14.10 9.87
C PRO A 131 11.25 13.58 8.87
N ARG A 132 12.27 14.40 8.60
CA ARG A 132 13.31 14.01 7.66
C ARG A 132 14.55 13.41 8.31
N ASN A 133 14.67 13.52 9.63
CA ASN A 133 15.87 13.03 10.30
C ASN A 133 15.47 12.65 11.72
N ILE A 134 16.40 12.01 12.41
CA ILE A 134 16.14 11.48 13.75
C ILE A 134 15.75 12.59 14.72
N GLU A 135 16.37 13.76 14.60
CA GLU A 135 16.04 14.85 15.51
C GLU A 135 14.60 15.31 15.34
N GLU A 136 14.16 15.47 14.08
CA GLU A 136 12.77 15.83 13.83
C GLU A 136 11.81 14.70 14.24
N MET A 137 12.23 13.44 14.09
CA MET A 137 11.43 12.32 14.56
C MET A 137 11.17 12.43 16.06
N PHE A 138 12.23 12.67 16.84
CA PHE A 138 12.05 12.79 18.29
C PHE A 138 11.22 14.00 18.64
N ASP A 139 11.40 15.11 17.91
CA ASP A 139 10.53 16.27 18.11
C ASP A 139 9.07 15.91 17.81
N ALA A 140 8.83 15.18 16.73
CA ALA A 140 7.47 14.76 16.39
C ALA A 140 6.89 13.81 17.44
N LEU A 141 7.70 12.87 17.93
CA LEU A 141 7.20 11.92 18.93
C LEU A 141 6.78 12.63 20.22
N GLN A 142 7.62 13.55 20.70
CA GLN A 142 7.35 14.28 21.93
C GLN A 142 6.13 15.19 21.80
N LYS A 143 5.73 15.54 20.59
CA LYS A 143 4.56 16.37 20.36
C LYS A 143 3.32 15.56 19.99
N GLY A 144 3.43 14.22 20.05
CA GLY A 144 2.33 13.36 19.66
C GLY A 144 1.93 13.44 18.20
N GLN A 145 2.89 13.72 17.29
CA GLN A 145 2.60 13.83 15.85
C GLN A 145 2.92 12.56 15.07
N ILE A 146 3.28 11.48 15.75
CA ILE A 146 3.49 10.19 15.10
C ILE A 146 2.37 9.26 15.54
N HIS A 147 1.68 8.66 14.57
CA HIS A 147 0.52 7.84 14.86
C HIS A 147 0.78 6.40 14.44
N PHE A 148 0.33 5.48 15.26
CA PHE A 148 0.47 4.05 15.03
C PHE A 148 -0.93 3.46 14.87
N ILE A 149 -1.15 2.74 13.78
CA ILE A 149 -2.44 2.17 13.47
C ILE A 149 -2.28 0.66 13.40
N GLU A 150 -2.86 -0.03 14.36
CA GLU A 150 -2.90 -1.48 14.35
C GLU A 150 -3.88 -1.94 13.25
N MET A 151 -3.39 -2.72 12.28
CA MET A 151 -4.28 -3.33 11.31
C MET A 151 -4.81 -4.68 11.76
N GLY A 152 -4.16 -5.32 12.74
CA GLY A 152 -4.70 -6.56 13.26
C GLY A 152 -3.70 -7.67 13.54
N TYR A 153 -3.79 -8.27 14.73
CA TYR A 153 -3.12 -9.52 15.06
C TYR A 153 -3.35 -10.59 13.99
N GLU A 154 -2.33 -11.36 13.69
CA GLU A 154 -2.43 -12.45 12.71
C GLU A 154 -1.89 -13.72 13.32
N PRO A 155 -2.72 -14.72 13.61
CA PRO A 155 -2.20 -15.97 14.14
C PRO A 155 -1.32 -16.71 13.16
N GLY A 156 -1.58 -16.58 11.84
CA GLY A 156 -0.82 -17.40 10.89
C GLY A 156 -1.14 -18.89 11.07
N TRP A 157 -0.35 -19.72 10.41
CA TRP A 157 -0.54 -21.17 10.44
C TRP A 157 0.73 -21.83 10.96
N ALA A 158 0.61 -22.54 12.07
CA ALA A 158 1.79 -23.19 12.63
C ALA A 158 2.33 -24.20 11.64
N ALA A 159 1.45 -24.84 10.88
CA ALA A 159 1.86 -25.76 9.82
C ALA A 159 2.72 -25.10 8.77
N LEU A 160 2.69 -23.78 8.66
CA LEU A 160 3.61 -23.13 7.75
C LEU A 160 4.87 -22.67 8.45
N ARG A 161 4.77 -22.30 9.74
CA ARG A 161 5.97 -21.89 10.47
C ARG A 161 6.94 -23.05 10.65
N ARG A 162 6.42 -24.27 10.83
CA ARG A 162 7.23 -25.49 10.84
C ARG A 162 8.21 -25.57 9.67
N LEU A 163 7.87 -24.99 8.52
CA LEU A 163 8.68 -25.19 7.33
C LEU A 163 10.02 -24.46 7.36
N LYS A 164 10.31 -23.65 8.39
CA LYS A 164 11.55 -22.86 8.35
C LYS A 164 12.80 -23.75 8.38
N LYS A 165 12.64 -25.02 8.74
CA LYS A 165 13.73 -25.98 8.75
C LYS A 165 13.96 -26.60 7.38
N SER B 2 -20.35 -3.19 -19.70
CA SER B 2 -19.65 -1.97 -19.30
C SER B 2 -18.36 -2.32 -18.55
N ARG B 3 -17.23 -1.95 -19.15
CA ARG B 3 -15.97 -1.86 -18.43
C ARG B 3 -16.00 -0.69 -17.45
N VAL B 4 -15.82 -0.99 -16.17
CA VAL B 4 -15.85 -0.01 -15.09
C VAL B 4 -14.52 -0.06 -14.34
N LEU B 5 -13.93 1.11 -14.09
CA LEU B 5 -12.71 1.22 -13.31
C LEU B 5 -13.03 1.80 -11.93
N LEU B 6 -12.55 1.14 -10.88
CA LEU B 6 -12.67 1.63 -9.50
C LEU B 6 -11.28 1.98 -8.97
N CYS B 7 -11.15 3.14 -8.32
CA CYS B 7 -9.84 3.67 -7.95
C CYS B 7 -9.91 4.40 -6.62
N SER B 8 -8.92 4.16 -5.77
CA SER B 8 -8.68 5.11 -4.71
C SER B 8 -7.95 6.29 -5.32
N ALA B 9 -7.98 7.43 -4.63
CA ALA B 9 -7.29 8.61 -5.12
C ALA B 9 -6.49 9.24 -3.99
N GLY B 10 -5.34 9.81 -4.35
CA GLY B 10 -4.58 10.57 -3.38
C GLY B 10 -4.26 11.99 -3.80
N HIS B 11 -3.06 12.47 -3.47
CA HIS B 11 -2.66 13.81 -3.84
C HIS B 11 -1.95 13.87 -5.19
N SER B 12 -1.38 12.75 -5.67
CA SER B 12 -0.84 12.68 -7.04
C SER B 12 -2.00 12.53 -8.03
N SER B 13 -2.48 13.65 -8.55
CA SER B 13 -3.71 13.63 -9.33
C SER B 13 -3.60 12.82 -10.63
N MET B 14 -2.44 12.27 -10.98
CA MET B 14 -2.28 11.66 -12.28
C MET B 14 -2.50 10.15 -12.28
N VAL B 15 -2.67 9.49 -11.13
CA VAL B 15 -2.70 8.03 -11.16
C VAL B 15 -3.95 7.55 -11.86
N VAL B 16 -5.09 8.18 -11.61
CA VAL B 16 -6.35 7.72 -12.19
C VAL B 16 -6.33 7.92 -13.71
N PRO B 17 -5.99 9.10 -14.25
CA PRO B 17 -5.92 9.19 -15.72
C PRO B 17 -4.92 8.18 -16.32
N GLU B 18 -3.82 7.89 -15.64
CA GLU B 18 -2.96 6.83 -16.13
C GLU B 18 -3.68 5.49 -16.13
N ALA B 19 -4.31 5.13 -14.99
CA ALA B 19 -5.02 3.87 -14.88
C ALA B 19 -6.09 3.72 -15.97
N PHE B 20 -6.71 4.84 -16.37
CA PHE B 20 -7.73 4.80 -17.43
C PHE B 20 -7.24 4.07 -18.66
N HIS B 21 -5.93 4.04 -18.89
CA HIS B 21 -5.34 3.45 -20.09
C HIS B 21 -4.86 2.04 -19.87
N ALA B 22 -5.29 1.38 -18.80
CA ALA B 22 -4.81 0.02 -18.55
C ALA B 22 -5.32 -0.95 -19.60
N VAL B 23 -6.30 -0.53 -20.38
CA VAL B 23 -6.99 -1.44 -21.26
C VAL B 23 -7.19 -0.69 -22.57
N PRO B 24 -6.83 -1.28 -23.73
CA PRO B 24 -6.84 -0.53 -25.01
C PRO B 24 -8.19 0.09 -25.36
N GLU B 25 -9.30 -0.55 -24.99
CA GLU B 25 -10.61 -0.05 -25.39
C GLU B 25 -11.14 1.07 -24.49
N GLY B 26 -10.42 1.42 -23.42
CA GLY B 26 -10.90 2.42 -22.49
C GLY B 26 -12.01 1.87 -21.61
N PHE B 27 -12.46 2.72 -20.69
CA PHE B 27 -13.48 2.37 -19.72
C PHE B 27 -14.72 3.19 -20.00
N GLU B 28 -15.89 2.55 -19.86
CA GLU B 28 -17.13 3.30 -19.95
C GLU B 28 -17.40 4.10 -18.69
N GLU B 29 -16.88 3.66 -17.55
CA GLU B 29 -17.06 4.38 -16.29
C GLU B 29 -15.81 4.30 -15.44
N VAL B 30 -15.50 5.41 -14.78
CA VAL B 30 -14.43 5.50 -13.82
C VAL B 30 -15.03 6.05 -12.53
N HIS B 31 -14.89 5.31 -11.44
CA HIS B 31 -15.35 5.77 -10.15
C HIS B 31 -14.19 5.82 -9.17
N VAL B 32 -14.11 6.94 -8.45
CA VAL B 32 -13.02 7.26 -7.56
C VAL B 32 -13.59 7.42 -6.15
N PHE B 33 -12.84 6.93 -5.17
CA PHE B 33 -13.21 7.07 -3.76
C PHE B 33 -12.02 7.68 -3.05
N THR B 34 -12.27 8.68 -2.23
CA THR B 34 -11.15 9.33 -1.55
C THR B 34 -11.61 9.85 -0.21
N THR B 35 -10.68 10.44 0.53
CA THR B 35 -11.03 11.07 1.79
C THR B 35 -11.57 12.47 1.57
N ASP B 36 -12.12 13.03 2.65
CA ASP B 36 -12.66 14.38 2.70
C ASP B 36 -11.62 15.41 3.12
N SER B 37 -10.34 15.22 2.77
CA SER B 37 -9.32 16.19 3.17
C SER B 37 -9.18 17.26 2.09
N GLU B 38 -9.02 18.51 2.54
CA GLU B 38 -8.84 19.63 1.62
C GLU B 38 -7.53 19.53 0.84
N LYS B 39 -6.58 18.70 1.28
CA LYS B 39 -5.37 18.38 0.52
C LYS B 39 -5.64 17.49 -0.71
N PHE B 40 -6.92 17.28 -1.05
CA PHE B 40 -7.33 16.59 -2.26
C PHE B 40 -7.77 17.64 -3.26
N ASN B 41 -7.01 17.76 -4.36
CA ASN B 41 -7.29 18.71 -5.44
C ASN B 41 -7.78 17.92 -6.64
N PRO B 42 -9.08 17.92 -6.93
CA PRO B 42 -9.58 17.11 -8.05
C PRO B 42 -9.39 17.77 -9.42
N VAL B 43 -8.83 18.97 -9.49
CA VAL B 43 -8.96 19.78 -10.69
C VAL B 43 -8.37 19.06 -11.92
N VAL B 44 -7.13 18.55 -11.80
CA VAL B 44 -6.48 17.89 -12.93
C VAL B 44 -7.17 16.56 -13.25
N LEU B 45 -7.70 15.90 -12.22
CA LEU B 45 -8.55 14.72 -12.42
C LEU B 45 -9.82 15.09 -13.19
N ASN B 46 -10.50 16.16 -12.77
CA ASN B 46 -11.72 16.58 -13.43
C ASN B 46 -11.44 17.13 -14.83
N ASP B 47 -10.29 17.79 -15.03
CA ASP B 47 -9.91 18.21 -16.38
C ASP B 47 -9.87 17.02 -17.32
N PHE B 48 -9.22 15.93 -16.90
CA PHE B 48 -9.06 14.78 -17.79
C PHE B 48 -10.41 14.20 -18.20
N PHE B 49 -11.31 14.00 -17.25
CA PHE B 49 -12.58 13.39 -17.60
C PHE B 49 -13.56 14.41 -18.18
N HIS B 50 -13.37 15.70 -17.91
CA HIS B 50 -14.18 16.66 -18.68
C HIS B 50 -13.82 16.65 -20.17
N SER B 51 -12.61 16.23 -20.53
CA SER B 51 -12.31 16.04 -21.94
C SER B 51 -12.64 14.64 -22.42
N LEU B 52 -13.37 13.86 -21.62
CA LEU B 52 -13.95 12.59 -22.08
C LEU B 52 -15.41 12.55 -21.65
N PRO B 53 -16.21 13.54 -22.06
CA PRO B 53 -17.57 13.68 -21.49
C PRO B 53 -18.46 12.47 -21.70
N ASN B 54 -18.11 11.53 -22.58
CA ASN B 54 -18.94 10.35 -22.72
C ASN B 54 -18.60 9.24 -21.73
N VAL B 55 -17.55 9.42 -20.93
CA VAL B 55 -17.21 8.51 -19.85
C VAL B 55 -17.97 8.93 -18.61
N ARG B 56 -18.67 7.99 -17.99
CA ARG B 56 -19.32 8.28 -16.71
C ARG B 56 -18.26 8.33 -15.61
N PHE B 57 -18.22 9.43 -14.88
CA PHE B 57 -17.14 9.69 -13.94
C PHE B 57 -17.72 10.23 -12.65
N SER B 58 -17.28 9.68 -11.51
CA SER B 58 -17.77 10.16 -10.23
C SER B 58 -16.67 10.08 -9.19
N ILE B 59 -16.73 11.01 -8.25
CA ILE B 59 -15.82 11.10 -7.10
C ILE B 59 -16.69 10.99 -5.86
N THR B 60 -16.37 10.03 -5.00
CA THR B 60 -17.11 9.85 -3.76
C THR B 60 -16.16 10.07 -2.60
N LYS B 61 -16.60 10.87 -1.64
CA LYS B 61 -15.76 11.21 -0.50
C LYS B 61 -16.26 10.44 0.71
N CYS B 62 -15.34 10.13 1.61
CA CYS B 62 -15.67 9.47 2.87
C CYS B 62 -16.12 10.57 3.82
N HIS B 63 -17.41 10.91 3.76
CA HIS B 63 -17.92 12.14 4.37
C HIS B 63 -17.55 12.23 5.85
N GLY B 64 -16.88 13.33 6.22
CA GLY B 64 -16.48 13.56 7.58
C GLY B 64 -15.09 13.11 7.94
N LEU B 65 -14.49 12.22 7.15
CA LEU B 65 -13.18 11.67 7.45
C LEU B 65 -12.14 12.33 6.56
N ALA B 66 -11.27 13.15 7.15
CA ALA B 66 -10.24 13.78 6.33
C ALA B 66 -8.98 12.92 6.25
N ASP B 67 -8.67 12.19 7.30
CA ASP B 67 -7.46 11.38 7.33
C ASP B 67 -7.77 10.09 8.06
N ILE B 68 -6.90 9.12 7.89
CA ILE B 68 -6.92 7.89 8.66
C ILE B 68 -5.78 8.01 9.66
N LEU B 69 -6.11 8.39 10.90
CA LEU B 69 -5.15 8.57 11.98
C LEU B 69 -5.18 7.48 13.04
N ASN B 70 -6.25 6.69 13.11
CA ASN B 70 -6.39 5.63 14.10
C ASN B 70 -7.30 4.53 13.55
N GLU B 71 -7.53 3.51 14.39
CA GLU B 71 -8.25 2.31 13.99
C GLU B 71 -9.70 2.63 13.65
N ARG B 72 -10.34 3.50 14.42
CA ARG B 72 -11.72 3.87 14.13
C ARG B 72 -11.81 4.57 12.78
N ASP B 73 -10.84 5.44 12.48
CA ASP B 73 -10.81 6.11 11.19
C ASP B 73 -10.74 5.08 10.07
N PHE B 74 -9.86 4.08 10.22
CA PHE B 74 -9.70 3.09 9.16
C PHE B 74 -10.99 2.31 8.99
N GLU B 75 -11.60 1.91 10.10
CA GLU B 75 -12.80 1.09 10.04
C GLU B 75 -13.94 1.85 9.37
N PHE B 76 -14.09 3.14 9.68
CA PHE B 76 -15.13 3.92 9.02
C PHE B 76 -14.84 4.04 7.53
N TYR B 77 -13.58 4.33 7.18
CA TYR B 77 -13.19 4.37 5.78
C TYR B 77 -13.57 3.06 5.09
N GLN B 78 -13.23 1.93 5.70
CA GLN B 78 -13.43 0.64 5.05
C GLN B 78 -14.91 0.33 4.86
N GLU B 79 -15.74 0.72 5.82
CA GLU B 79 -17.17 0.43 5.65
C GLU B 79 -17.75 1.24 4.50
N MET B 80 -17.39 2.52 4.40
CA MET B 80 -17.92 3.27 3.27
C MET B 80 -17.32 2.80 1.95
N LEU B 81 -16.03 2.46 1.94
CA LEU B 81 -15.41 1.98 0.70
C LEU B 81 -16.12 0.75 0.19
N TRP B 82 -16.43 -0.20 1.08
CA TRP B 82 -17.00 -1.46 0.62
C TRP B 82 -18.44 -1.27 0.18
N GLN B 83 -19.17 -0.40 0.86
CA GLN B 83 -20.52 -0.05 0.39
C GLN B 83 -20.46 0.56 -1.00
N TRP B 84 -19.54 1.51 -1.20
CA TRP B 84 -19.39 2.16 -2.49
C TRP B 84 -18.95 1.19 -3.57
N TYR B 85 -18.03 0.27 -3.25
CA TYR B 85 -17.62 -0.75 -4.22
C TYR B 85 -18.82 -1.56 -4.71
N LEU B 86 -19.72 -1.93 -3.79
CA LEU B 86 -20.89 -2.71 -4.17
C LEU B 86 -21.84 -1.89 -5.03
N THR B 87 -21.98 -0.60 -4.70
CA THR B 87 -22.84 0.32 -5.42
C THR B 87 -22.35 0.55 -6.84
N LYS B 88 -21.04 0.73 -7.02
CA LYS B 88 -20.46 1.15 -8.29
C LYS B 88 -20.18 -0.02 -9.22
N MET B 89 -19.93 -1.20 -8.69
CA MET B 89 -19.53 -2.28 -9.57
C MET B 89 -20.69 -2.60 -10.51
N PRO B 90 -20.39 -3.06 -11.73
CA PRO B 90 -21.46 -3.31 -12.68
C PRO B 90 -22.23 -4.57 -12.32
N ASP B 91 -23.43 -4.69 -12.92
CA ASP B 91 -24.35 -5.76 -12.56
C ASP B 91 -23.93 -7.11 -13.13
N ASN B 92 -23.42 -7.15 -14.36
CA ASN B 92 -23.26 -8.43 -15.04
C ASN B 92 -21.80 -8.71 -15.44
N GLU B 93 -20.84 -8.02 -14.82
CA GLU B 93 -19.45 -8.43 -14.92
C GLU B 93 -18.68 -7.77 -13.80
N LEU B 94 -17.48 -8.24 -13.61
CA LEU B 94 -16.66 -7.71 -12.53
C LEU B 94 -15.99 -6.40 -12.97
N PRO B 95 -15.80 -5.47 -12.05
CA PRO B 95 -15.09 -4.23 -12.40
C PRO B 95 -13.60 -4.50 -12.55
N TYR B 96 -12.90 -3.48 -13.03
CA TYR B 96 -11.45 -3.39 -12.96
C TYR B 96 -11.09 -2.52 -11.77
N VAL B 97 -9.97 -2.83 -11.12
CA VAL B 97 -9.57 -2.13 -9.90
C VAL B 97 -8.11 -1.71 -10.02
N CYS B 98 -7.87 -0.40 -9.89
CA CYS B 98 -6.51 0.11 -9.78
C CYS B 98 -6.20 0.43 -8.32
N LEU B 99 -5.07 -0.06 -7.83
CA LEU B 99 -4.69 0.01 -6.41
C LEU B 99 -3.73 1.16 -6.09
N SER B 100 -3.24 1.88 -7.08
CA SER B 100 -2.07 2.72 -6.86
C SER B 100 -2.39 3.99 -6.09
N GLY B 101 -3.63 4.48 -6.11
CA GLY B 101 -3.92 5.74 -5.46
C GLY B 101 -4.10 5.61 -3.96
N GLY B 102 -3.88 6.73 -3.25
CA GLY B 102 -4.20 6.85 -1.82
C GLY B 102 -3.10 6.34 -0.91
N ILE B 103 -3.37 6.33 0.40
CA ILE B 103 -2.37 5.79 1.31
C ILE B 103 -2.45 4.27 1.30
N LYS B 104 -1.44 3.64 1.86
CA LYS B 104 -1.35 2.19 1.79
C LYS B 104 -2.58 1.51 2.38
N SER B 105 -3.06 1.98 3.55
CA SER B 105 -4.21 1.32 4.15
C SER B 105 -5.46 1.48 3.28
N MET B 106 -5.64 2.65 2.63
CA MET B 106 -6.76 2.76 1.68
C MET B 106 -6.65 1.72 0.58
N SER B 107 -5.45 1.54 0.03
CA SER B 107 -5.26 0.62 -1.06
C SER B 107 -5.47 -0.84 -0.62
N ALA B 108 -5.01 -1.19 0.60
CA ALA B 108 -5.20 -2.57 1.07
C ALA B 108 -6.69 -2.88 1.27
N SER B 109 -7.45 -1.91 1.76
CA SER B 109 -8.87 -2.12 1.94
C SER B 109 -9.56 -2.28 0.59
N LEU B 110 -9.10 -1.54 -0.44
CA LEU B 110 -9.66 -1.71 -1.77
C LEU B 110 -9.38 -3.12 -2.30
N GLN B 111 -8.13 -3.61 -2.14
CA GLN B 111 -7.80 -4.96 -2.59
C GLN B 111 -8.63 -6.01 -1.85
N LYS B 112 -8.88 -5.80 -0.55
CA LYS B 112 -9.71 -6.76 0.16
C LYS B 112 -11.11 -6.78 -0.43
N ALA B 113 -11.67 -5.60 -0.72
CA ALA B 113 -12.99 -5.55 -1.35
C ALA B 113 -12.99 -6.31 -2.68
N ALA B 114 -11.94 -6.17 -3.49
CA ALA B 114 -11.89 -6.86 -4.78
C ALA B 114 -11.86 -8.37 -4.58
N THR B 115 -11.13 -8.81 -3.57
CA THR B 115 -11.07 -10.22 -3.22
C THR B 115 -12.45 -10.75 -2.81
N LEU B 116 -13.26 -9.90 -2.15
CA LEU B 116 -14.54 -10.34 -1.62
C LEU B 116 -15.68 -10.21 -2.63
N PHE B 117 -15.73 -9.11 -3.39
CA PHE B 117 -16.85 -8.91 -4.30
C PHE B 117 -16.51 -9.28 -5.74
N GLY B 118 -15.22 -9.38 -6.06
CA GLY B 118 -14.82 -9.78 -7.40
C GLY B 118 -14.25 -8.62 -8.19
N ALA B 119 -13.28 -8.94 -9.05
CA ALA B 119 -12.65 -7.95 -9.93
C ALA B 119 -12.06 -8.70 -11.11
N GLN B 120 -12.35 -8.22 -12.31
CA GLN B 120 -11.76 -8.79 -13.51
C GLN B 120 -10.25 -8.59 -13.53
N SER B 121 -9.80 -7.49 -12.92
CA SER B 121 -8.39 -7.15 -12.93
C SER B 121 -8.14 -6.29 -11.70
N VAL B 122 -6.99 -6.53 -11.07
CA VAL B 122 -6.54 -5.74 -9.94
C VAL B 122 -5.10 -5.36 -10.26
N PHE B 123 -4.87 -4.07 -10.52
CA PHE B 123 -3.59 -3.70 -11.10
C PHE B 123 -3.05 -2.45 -10.43
N HIS B 124 -1.72 -2.32 -10.50
CA HIS B 124 -1.02 -1.09 -10.17
C HIS B 124 -0.58 -0.40 -11.46
N VAL B 125 -0.48 0.92 -11.39
CA VAL B 125 0.06 1.70 -12.49
C VAL B 125 1.34 2.38 -11.99
N LEU B 126 2.43 2.19 -12.72
CA LEU B 126 3.73 2.74 -12.36
C LEU B 126 4.25 3.63 -13.49
N ALA B 127 4.92 4.72 -13.12
CA ALA B 127 5.44 5.68 -14.08
C ALA B 127 6.94 5.84 -13.90
N ASP B 128 7.67 5.90 -15.01
CA ASP B 128 9.12 6.09 -14.96
C ASP B 128 9.49 7.38 -14.26
N ASN B 129 8.82 8.50 -14.59
CA ASN B 129 9.20 9.79 -14.03
C ASN B 129 8.01 10.56 -13.47
N ASN B 130 6.92 9.87 -13.14
CA ASN B 130 5.76 10.46 -12.47
C ASN B 130 5.31 11.77 -13.10
N PRO B 131 4.56 11.71 -14.19
CA PRO B 131 3.97 12.92 -14.76
C PRO B 131 3.24 13.73 -13.69
N ARG B 132 3.31 15.05 -13.83
CA ARG B 132 2.60 15.97 -12.96
C ARG B 132 1.39 16.61 -13.62
N ASN B 133 1.20 16.43 -14.91
CA ASN B 133 0.13 17.09 -15.63
C ASN B 133 -0.30 16.23 -16.81
N ILE B 134 -1.39 16.64 -17.44
CA ILE B 134 -2.00 15.82 -18.49
C ILE B 134 -1.07 15.67 -19.69
N GLU B 135 -0.35 16.74 -20.06
CA GLU B 135 0.50 16.71 -21.24
C GLU B 135 1.70 15.80 -21.03
N GLU B 136 2.35 15.90 -19.88
CA GLU B 136 3.41 14.96 -19.51
C GLU B 136 2.93 13.50 -19.56
N MET B 137 1.70 13.25 -19.10
CA MET B 137 1.19 11.87 -19.11
C MET B 137 1.04 11.34 -20.53
N PHE B 138 0.45 12.14 -21.42
CA PHE B 138 0.32 11.73 -22.81
C PHE B 138 1.68 11.52 -23.46
N ASP B 139 2.69 12.30 -23.05
CA ASP B 139 4.04 12.04 -23.54
C ASP B 139 4.56 10.72 -23.01
N ALA B 140 4.41 10.48 -21.69
CA ALA B 140 4.90 9.24 -21.10
C ALA B 140 4.16 8.02 -21.65
N LEU B 141 2.87 8.16 -21.98
CA LEU B 141 2.15 7.02 -22.55
C LEU B 141 2.70 6.68 -23.93
N GLN B 142 2.92 7.71 -24.76
CA GLN B 142 3.53 7.51 -26.07
C GLN B 142 4.84 6.74 -25.97
N LYS B 143 5.75 7.19 -25.10
CA LYS B 143 7.06 6.59 -24.94
C LYS B 143 7.07 5.31 -24.10
N GLY B 144 5.91 4.75 -23.76
CA GLY B 144 5.89 3.54 -22.94
C GLY B 144 6.47 3.69 -21.55
N GLN B 145 6.42 4.89 -20.96
CA GLN B 145 6.92 5.09 -19.61
C GLN B 145 5.88 4.79 -18.53
N ILE B 146 4.65 4.41 -18.91
CA ILE B 146 3.59 4.05 -17.97
C ILE B 146 3.44 2.54 -17.98
N HIS B 147 3.63 1.91 -16.82
CA HIS B 147 3.60 0.46 -16.70
C HIS B 147 2.40 0.00 -15.88
N PHE B 148 1.96 -1.22 -16.17
CA PHE B 148 0.77 -1.81 -15.56
C PHE B 148 1.14 -3.18 -15.05
N ILE B 149 0.93 -3.41 -13.75
CA ILE B 149 1.20 -4.69 -13.11
C ILE B 149 -0.13 -5.31 -12.68
N GLU B 150 -0.45 -6.46 -13.24
CA GLU B 150 -1.62 -7.23 -12.83
C GLU B 150 -1.29 -7.94 -11.52
N MET B 151 -2.09 -7.70 -10.47
CA MET B 151 -1.93 -8.42 -9.21
C MET B 151 -2.77 -9.69 -9.13
N GLY B 152 -3.86 -9.78 -9.90
CA GLY B 152 -4.59 -11.03 -9.95
C GLY B 152 -6.10 -10.88 -10.15
N TYR B 153 -6.66 -11.66 -11.08
CA TYR B 153 -8.11 -11.79 -11.18
C TYR B 153 -8.68 -12.26 -9.84
N GLU B 154 -9.86 -11.74 -9.50
CA GLU B 154 -10.52 -12.11 -8.24
C GLU B 154 -11.94 -12.52 -8.52
N PRO B 155 -12.28 -13.80 -8.43
CA PRO B 155 -13.68 -14.20 -8.69
C PRO B 155 -14.65 -13.60 -7.70
N GLY B 156 -14.22 -13.38 -6.45
CA GLY B 156 -15.16 -12.89 -5.46
C GLY B 156 -16.17 -13.98 -5.11
N TRP B 157 -17.23 -13.57 -4.39
CA TRP B 157 -18.28 -14.47 -3.94
C TRP B 157 -19.62 -13.98 -4.47
N ALA B 158 -20.22 -14.75 -5.39
CA ALA B 158 -21.58 -14.44 -5.85
C ALA B 158 -22.52 -14.18 -4.68
N ALA B 159 -22.34 -14.90 -3.57
CA ALA B 159 -23.23 -14.73 -2.42
C ALA B 159 -23.10 -13.36 -1.80
N LEU B 160 -21.92 -12.75 -1.85
CA LEU B 160 -21.82 -11.38 -1.38
C LEU B 160 -22.33 -10.39 -2.42
N ARG B 161 -22.12 -10.65 -3.72
CA ARG B 161 -22.59 -9.73 -4.74
C ARG B 161 -24.10 -9.58 -4.71
N ARG B 162 -24.84 -10.64 -4.38
CA ARG B 162 -26.31 -10.52 -4.36
C ARG B 162 -26.79 -9.48 -3.37
N LEU B 163 -25.97 -9.13 -2.38
CA LEU B 163 -26.39 -8.19 -1.35
C LEU B 163 -26.54 -6.77 -1.85
N LYS B 164 -26.27 -6.45 -3.11
CA LYS B 164 -26.60 -5.08 -3.50
C LYS B 164 -28.11 -4.97 -3.70
N LYS B 165 -28.87 -5.38 -2.68
CA LYS B 165 -30.32 -5.45 -2.66
C LYS B 165 -30.81 -5.41 -1.21
#